data_4P7V
#
_entry.id   4P7V
#
_cell.length_a   68.040
_cell.length_b   53.340
_cell.length_c   68.120
_cell.angle_alpha   90.00
_cell.angle_beta   117.64
_cell.angle_gamma   90.00
#
_symmetry.space_group_name_H-M   'P 1 21 1'
#
loop_
_entity.id
_entity.type
_entity.pdbx_description
1 polymer 'Polyhedral bodies'
2 non-polymer GLYCEROL
3 water water
#
_entity_poly.entity_id   1
_entity_poly.type   'polypeptide(L)'
_entity_poly.pdbx_seq_one_letter_code
;GSMQQEALGMVETKGLTAAIEAADAMVDSANVMLVGYEKIGSGLVTVIVRGDVGAVKAATDAGAAAARNVGEVKAVHVIP
RPHTDVEKILPKGIRLVKDPAANKARKEAELAAATAEQ
;
_entity_poly.pdbx_strand_id   A,B,C,D,E,F
#
# COMPACT_ATOMS: atom_id res chain seq x y z
N GLU A 6 -6.45 15.05 28.46
CA GLU A 6 -6.77 14.99 27.03
C GLU A 6 -5.71 15.46 26.03
N ALA A 7 -4.48 15.80 26.46
CA ALA A 7 -3.36 15.97 25.47
C ALA A 7 -3.09 14.67 24.68
N LEU A 8 -2.44 14.79 23.50
CA LEU A 8 -2.33 13.66 22.59
C LEU A 8 -0.86 13.66 22.21
N GLY A 9 -0.21 12.51 22.41
CA GLY A 9 1.19 12.24 22.06
C GLY A 9 1.15 11.28 20.89
N MET A 10 1.99 11.56 19.90
CA MET A 10 2.11 10.66 18.75
C MET A 10 3.56 10.35 18.46
N VAL A 11 3.84 9.07 18.19
CA VAL A 11 5.20 8.75 17.71
C VAL A 11 5.04 7.99 16.44
N GLU A 12 5.66 8.44 15.35
CA GLU A 12 5.48 7.74 14.06
C GLU A 12 6.76 7.05 13.70
N THR A 13 6.67 5.75 13.44
CA THR A 13 7.86 4.96 13.09
C THR A 13 7.74 4.39 11.70
N LYS A 14 8.88 4.03 11.11
CA LYS A 14 8.84 3.13 9.94
C LYS A 14 9.09 1.72 10.50
N GLY A 15 8.06 0.88 10.63
CA GLY A 15 8.36 -0.42 11.25
C GLY A 15 7.51 -0.61 12.52
N LEU A 16 7.00 -1.81 12.64
CA LEU A 16 6.10 -2.08 13.72
C LEU A 16 6.84 -2.36 15.02
N THR A 17 8.00 -3.03 14.95
CA THR A 17 8.76 -3.31 16.17
C THR A 17 9.08 -2.03 16.94
N ALA A 18 9.53 -0.98 16.20
CA ALA A 18 9.85 0.32 16.78
C ALA A 18 8.63 0.96 17.40
N ALA A 19 7.47 0.73 16.80
CA ALA A 19 6.23 1.29 17.33
C ALA A 19 5.86 0.61 18.64
N ILE A 20 5.98 -0.72 18.73
CA ILE A 20 5.56 -1.52 19.94
C ILE A 20 6.48 -1.05 21.02
N GLU A 21 7.79 -0.89 20.68
CA GLU A 21 8.74 -0.47 21.69
C GLU A 21 8.35 0.93 22.17
N ALA A 22 7.97 1.83 21.26
CA ALA A 22 7.59 3.20 21.69
C ALA A 22 6.37 3.15 22.62
N ALA A 23 5.34 2.42 22.19
CA ALA A 23 4.13 2.23 23.04
C ALA A 23 4.54 1.76 24.42
N ASP A 24 5.37 0.75 24.50
CA ASP A 24 5.69 0.22 25.84
C ASP A 24 6.49 1.23 26.72
N ALA A 25 7.32 2.02 26.10
CA ALA A 25 7.99 3.13 26.81
C ALA A 25 7.15 4.35 27.12
N MET A 26 6.00 4.54 26.52
CA MET A 26 5.25 5.74 26.85
C MET A 26 4.25 5.63 28.00
N VAL A 27 3.85 4.43 28.36
CA VAL A 27 2.70 4.21 29.17
C VAL A 27 3.03 3.99 30.64
N ASP A 28 4.33 4.12 30.91
CA ASP A 28 4.99 3.78 32.13
C ASP A 28 5.13 5.02 32.87
N SER A 29 4.01 5.67 33.09
CA SER A 29 3.98 7.09 32.98
C SER A 29 2.67 7.48 33.59
N ALA A 30 2.63 8.70 34.12
CA ALA A 30 1.77 8.97 35.28
C ALA A 30 0.35 8.52 34.98
N ASN A 31 -0.45 9.44 34.47
CA ASN A 31 -1.47 9.04 33.62
C ASN A 31 -1.32 9.50 32.16
N VAL A 32 -0.76 8.55 31.43
CA VAL A 32 -0.90 8.50 29.99
C VAL A 32 -1.40 7.11 29.64
N MET A 33 -2.43 7.04 28.82
CA MET A 33 -2.89 5.73 28.42
C MET A 33 -2.62 5.55 26.92
N LEU A 34 -2.41 4.31 26.51
CA LEU A 34 -2.22 4.03 25.11
C LEU A 34 -3.59 4.05 24.44
N VAL A 35 -3.74 4.95 23.46
CA VAL A 35 -4.94 4.96 22.58
C VAL A 35 -4.97 3.82 21.54
N GLY A 36 -3.91 3.68 20.74
CA GLY A 36 -3.75 2.52 19.87
C GLY A 36 -2.63 2.88 18.87
N TYR A 37 -2.59 2.19 17.72
CA TYR A 37 -1.74 2.63 16.63
C TYR A 37 -2.48 2.63 15.30
N GLU A 38 -1.95 3.36 14.35
CA GLU A 38 -2.59 3.42 13.03
C GLU A 38 -1.59 3.10 12.00
N LYS A 39 -1.97 2.27 11.05
CA LYS A 39 -1.12 2.02 9.90
C LYS A 39 -1.64 2.85 8.70
N ILE A 40 -0.76 3.55 8.00
CA ILE A 40 -1.14 4.18 6.70
C ILE A 40 -0.56 3.49 5.47
N GLY A 41 0.04 2.30 5.66
CA GLY A 41 0.68 1.57 4.54
C GLY A 41 2.07 2.16 4.48
N SER A 42 2.87 1.67 3.52
CA SER A 42 4.25 2.09 3.34
C SER A 42 5.19 1.88 4.51
N GLY A 43 4.85 0.97 5.42
CA GLY A 43 5.78 0.76 6.55
C GLY A 43 5.64 1.72 7.75
N LEU A 44 4.71 2.64 7.64
CA LEU A 44 4.54 3.73 8.61
C LEU A 44 3.41 3.44 9.59
N VAL A 45 3.75 3.53 10.86
CA VAL A 45 2.93 3.24 12.00
C VAL A 45 2.90 4.45 12.97
N THR A 46 1.74 4.95 13.36
CA THR A 46 1.76 6.03 14.42
C THR A 46 1.12 5.49 15.71
N VAL A 47 1.79 5.65 16.84
CA VAL A 47 1.32 5.24 18.12
C VAL A 47 0.74 6.50 18.76
N ILE A 48 -0.40 6.34 19.38
CA ILE A 48 -1.02 7.48 19.96
C ILE A 48 -1.35 7.24 21.43
N VAL A 49 -1.01 8.23 22.28
CA VAL A 49 -1.27 8.16 23.69
C VAL A 49 -2.15 9.38 24.04
N ARG A 50 -2.89 9.27 25.14
CA ARG A 50 -3.64 10.38 25.67
C ARG A 50 -3.29 10.57 27.14
N GLY A 51 -3.24 11.81 27.63
CA GLY A 51 -3.08 12.07 29.07
C GLY A 51 -2.79 13.53 29.36
N ASP A 52 -2.26 13.88 30.52
CA ASP A 52 -2.03 15.32 30.69
C ASP A 52 -0.74 15.78 30.06
N VAL A 53 -0.74 17.06 29.69
CA VAL A 53 0.28 17.61 28.81
C VAL A 53 1.66 17.25 29.31
N GLY A 54 1.92 17.40 30.60
CA GLY A 54 3.32 17.29 31.09
C GLY A 54 3.82 15.87 30.99
N ALA A 55 2.96 14.93 31.41
CA ALA A 55 3.30 13.54 31.35
C ALA A 55 3.32 13.00 29.88
N VAL A 56 2.57 13.64 28.96
CA VAL A 56 2.54 13.23 27.56
C VAL A 56 3.82 13.71 26.85
N LYS A 57 4.17 14.96 27.09
CA LYS A 57 5.47 15.43 26.53
C LYS A 57 6.58 14.47 26.97
N ALA A 58 6.78 14.29 28.27
CA ALA A 58 7.74 13.34 28.76
C ALA A 58 7.56 11.94 28.14
N ALA A 59 6.31 11.41 28.05
CA ALA A 59 6.09 10.09 27.48
C ALA A 59 6.55 10.03 26.02
N THR A 60 6.19 11.01 25.23
CA THR A 60 6.54 10.94 23.83
C THR A 60 8.07 11.13 23.60
N ASP A 61 8.74 11.90 24.44
CA ASP A 61 10.22 12.01 24.34
C ASP A 61 10.85 10.67 24.66
N ALA A 62 10.40 10.04 25.74
CA ALA A 62 10.87 8.68 26.10
C ALA A 62 10.53 7.64 25.05
N GLY A 63 9.32 7.70 24.50
CA GLY A 63 8.96 6.73 23.42
C GLY A 63 9.77 6.87 22.16
N ALA A 64 10.07 8.11 21.73
CA ALA A 64 10.85 8.35 20.54
C ALA A 64 12.28 7.91 20.77
N ALA A 65 12.82 8.18 21.98
CA ALA A 65 14.16 7.71 22.33
C ALA A 65 14.25 6.16 22.23
N ALA A 66 13.27 5.47 22.80
CA ALA A 66 13.29 4.01 22.81
C ALA A 66 13.11 3.44 21.44
N ALA A 67 12.17 4.02 20.69
CA ALA A 67 11.92 3.56 19.33
C ALA A 67 13.18 3.71 18.44
N ARG A 68 13.91 4.82 18.60
CA ARG A 68 15.16 5.02 17.84
C ARG A 68 16.20 3.96 18.14
N ASN A 69 16.16 3.30 19.31
CA ASN A 69 17.06 2.15 19.59
C ASN A 69 16.80 0.92 18.73
N VAL A 70 15.57 0.78 18.25
CA VAL A 70 15.07 -0.43 17.65
C VAL A 70 14.82 -0.17 16.16
N GLY A 71 14.41 1.03 15.79
CA GLY A 71 14.05 1.35 14.39
C GLY A 71 14.08 2.83 14.00
N GLU A 72 13.38 3.19 12.92
CA GLU A 72 13.44 4.55 12.47
C GLU A 72 12.22 5.34 12.92
N VAL A 73 12.48 6.55 13.44
CA VAL A 73 11.39 7.34 13.99
C VAL A 73 11.13 8.49 13.02
N LYS A 74 9.87 8.67 12.61
CA LYS A 74 9.61 9.63 11.57
C LYS A 74 9.00 10.93 12.07
N ALA A 75 8.22 10.91 13.13
CA ALA A 75 7.72 12.19 13.65
C ALA A 75 7.41 11.95 15.08
N VAL A 76 7.48 13.04 15.86
CA VAL A 76 7.12 13.03 17.28
C VAL A 76 6.37 14.34 17.53
N HIS A 77 5.20 14.27 18.12
CA HIS A 77 4.49 15.49 18.28
C HIS A 77 3.51 15.33 19.41
N VAL A 78 3.19 16.42 20.10
CA VAL A 78 2.12 16.46 21.14
C VAL A 78 1.14 17.57 20.72
N ILE A 79 -0.15 17.32 20.81
CA ILE A 79 -1.18 18.35 20.72
C ILE A 79 -1.75 18.56 22.13
N PRO A 80 -1.37 19.68 22.80
CA PRO A 80 -1.81 19.86 24.19
C PRO A 80 -3.33 19.81 24.41
N ARG A 81 -4.11 20.42 23.53
CA ARG A 81 -5.54 20.49 23.77
C ARG A 81 -6.26 20.20 22.46
N PRO A 82 -6.39 18.90 22.12
CA PRO A 82 -6.97 18.55 20.82
C PRO A 82 -8.46 18.94 20.72
N HIS A 83 -8.86 19.44 19.58
CA HIS A 83 -10.28 19.70 19.32
C HIS A 83 -11.02 18.42 19.37
N THR A 84 -12.28 18.46 19.79
CA THR A 84 -13.09 17.28 19.94
C THR A 84 -13.39 16.61 18.58
N ASP A 85 -13.37 17.37 17.49
CA ASP A 85 -13.71 16.73 16.22
C ASP A 85 -12.62 15.83 15.64
N VAL A 86 -11.38 16.08 16.04
CA VAL A 86 -10.22 15.24 15.73
C VAL A 86 -10.35 13.77 16.16
N GLU A 87 -11.13 13.52 17.21
CA GLU A 87 -11.39 12.15 17.68
C GLU A 87 -11.89 11.24 16.55
N LYS A 88 -12.62 11.88 15.63
CA LYS A 88 -13.19 11.24 14.44
C LYS A 88 -12.11 10.56 13.62
N ILE A 89 -10.88 11.09 13.62
CA ILE A 89 -9.88 10.47 12.79
C ILE A 89 -8.82 9.68 13.57
N LEU A 90 -9.10 9.42 14.84
CA LEU A 90 -8.19 8.58 15.69
C LEU A 90 -8.61 7.11 15.66
N PRO A 91 -7.65 6.18 15.81
CA PRO A 91 -7.93 4.71 15.85
C PRO A 91 -8.57 4.28 17.16
N GLU B 6 -17.96 7.09 -27.25
CA GLU B 6 -17.26 8.37 -26.87
C GLU B 6 -15.83 8.27 -26.35
N ALA B 7 -15.06 9.33 -26.66
CA ALA B 7 -13.66 9.45 -26.25
C ALA B 7 -13.43 9.33 -24.74
N LEU B 8 -12.21 8.90 -24.40
CA LEU B 8 -11.75 8.75 -23.01
C LEU B 8 -10.51 9.63 -22.77
N GLY B 9 -10.54 10.40 -21.66
CA GLY B 9 -9.49 11.26 -21.17
C GLY B 9 -9.09 10.87 -19.77
N MET B 10 -7.79 10.98 -19.48
CA MET B 10 -7.21 10.64 -18.15
C MET B 10 -6.09 11.61 -17.83
N VAL B 11 -6.06 12.02 -16.55
CA VAL B 11 -4.95 12.76 -16.00
C VAL B 11 -4.59 12.04 -14.71
N GLU B 12 -3.31 11.66 -14.59
CA GLU B 12 -2.83 10.91 -13.48
C GLU B 12 -1.86 11.83 -12.79
N THR B 13 -2.03 11.94 -11.49
CA THR B 13 -1.21 12.84 -10.71
C THR B 13 -0.58 12.00 -9.60
N LYS B 14 0.47 12.57 -8.99
CA LYS B 14 0.97 12.03 -7.74
C LYS B 14 0.44 12.98 -6.69
N GLY B 15 -0.61 12.57 -5.98
CA GLY B 15 -1.20 13.40 -4.96
C GLY B 15 -2.71 13.41 -5.23
N LEU B 16 -3.52 13.32 -4.19
CA LEU B 16 -4.96 13.50 -4.35
C LEU B 16 -5.38 14.98 -4.55
N THR B 17 -4.75 15.92 -3.84
CA THR B 17 -5.14 17.31 -4.05
C THR B 17 -5.03 17.69 -5.52
N ALA B 18 -3.89 17.33 -6.19
CA ALA B 18 -3.68 17.69 -7.59
C ALA B 18 -4.78 17.07 -8.52
N ALA B 19 -5.10 15.80 -8.28
CA ALA B 19 -6.15 15.10 -8.99
C ALA B 19 -7.49 15.77 -8.86
N ILE B 20 -7.83 16.25 -7.66
CA ILE B 20 -9.20 16.85 -7.45
C ILE B 20 -9.23 18.19 -8.23
N GLU B 21 -8.12 18.91 -8.21
CA GLU B 21 -8.03 20.10 -9.02
C GLU B 21 -8.12 19.80 -10.53
N ALA B 22 -7.52 18.72 -11.00
CA ALA B 22 -7.55 18.40 -12.41
C ALA B 22 -9.00 18.14 -12.74
N ALA B 23 -9.65 17.37 -11.83
CA ALA B 23 -11.07 17.03 -12.09
C ALA B 23 -11.95 18.23 -12.22
N ASP B 24 -11.87 19.12 -11.23
CA ASP B 24 -12.66 20.38 -11.25
C ASP B 24 -12.33 21.25 -12.44
N ALA B 25 -11.03 21.40 -12.77
CA ALA B 25 -10.68 22.12 -14.00
C ALA B 25 -11.24 21.45 -15.29
N MET B 26 -11.24 20.14 -15.37
CA MET B 26 -11.74 19.52 -16.62
C MET B 26 -13.22 19.73 -16.81
N VAL B 27 -14.04 19.48 -15.80
CA VAL B 27 -15.46 19.71 -16.04
C VAL B 27 -15.91 21.19 -16.22
N ASP B 28 -15.12 22.15 -15.72
CA ASP B 28 -15.43 23.52 -16.09
C ASP B 28 -14.85 23.96 -17.43
N SER B 29 -14.12 23.09 -18.10
CA SER B 29 -13.40 23.60 -19.25
C SER B 29 -14.11 23.19 -20.51
N ALA B 30 -15.01 22.21 -20.37
CA ALA B 30 -15.54 21.57 -21.59
C ALA B 30 -16.71 20.68 -21.25
N ASN B 31 -17.42 20.23 -22.28
CA ASN B 31 -18.55 19.29 -22.02
C ASN B 31 -17.97 17.92 -21.97
N VAL B 32 -17.46 17.55 -20.81
CA VAL B 32 -17.06 16.18 -20.58
C VAL B 32 -17.78 15.79 -19.30
N MET B 33 -18.02 14.50 -19.12
CA MET B 33 -18.46 13.95 -17.83
C MET B 33 -17.30 13.26 -17.08
N LEU B 34 -17.21 13.56 -15.82
CA LEU B 34 -16.30 12.90 -14.89
C LEU B 34 -16.80 11.52 -14.60
N VAL B 35 -16.10 10.52 -15.12
CA VAL B 35 -16.44 9.12 -14.89
C VAL B 35 -16.11 8.67 -13.46
N GLY B 36 -14.96 9.11 -12.91
CA GLY B 36 -14.53 8.73 -11.56
C GLY B 36 -13.02 8.82 -11.42
N TYR B 37 -12.46 8.43 -10.28
CA TYR B 37 -10.99 8.44 -10.15
C TYR B 37 -10.56 7.09 -9.64
N GLU B 38 -9.30 6.75 -9.74
CA GLU B 38 -8.87 5.46 -9.17
C GLU B 38 -7.55 5.66 -8.40
N LYS B 39 -7.33 4.89 -7.36
CA LYS B 39 -6.02 4.93 -6.65
C LYS B 39 -5.35 3.58 -6.84
N ILE B 40 -4.05 3.58 -7.05
CA ILE B 40 -3.28 2.35 -7.37
C ILE B 40 -2.06 2.24 -6.48
N GLY B 41 -1.99 3.19 -5.54
CA GLY B 41 -0.83 3.26 -4.62
C GLY B 41 0.30 4.09 -5.10
N SER B 42 1.39 4.12 -4.32
CA SER B 42 2.54 5.01 -4.61
C SER B 42 2.13 6.48 -4.84
N GLY B 43 0.97 6.89 -4.33
CA GLY B 43 0.52 8.26 -4.41
C GLY B 43 -0.12 8.62 -5.75
N LEU B 44 -0.31 7.63 -6.60
CA LEU B 44 -0.89 7.77 -7.94
C LEU B 44 -2.43 7.74 -7.96
N VAL B 45 -3.01 8.84 -8.41
CA VAL B 45 -4.47 9.01 -8.58
C VAL B 45 -4.74 9.42 -10.06
N THR B 46 -5.59 8.63 -10.69
CA THR B 46 -6.05 8.92 -12.09
C THR B 46 -7.50 9.41 -12.11
N VAL B 47 -7.78 10.56 -12.73
CA VAL B 47 -9.12 11.04 -12.99
C VAL B 47 -9.50 10.78 -14.45
N ILE B 48 -10.76 10.36 -14.66
CA ILE B 48 -11.17 9.92 -16.00
C ILE B 48 -12.45 10.66 -16.44
N VAL B 49 -12.43 11.15 -17.68
CA VAL B 49 -13.50 11.85 -18.32
C VAL B 49 -13.84 11.17 -19.66
N ARG B 50 -15.07 11.44 -20.10
CA ARG B 50 -15.67 10.94 -21.33
C ARG B 50 -16.33 12.11 -22.04
N GLY B 51 -16.34 12.09 -23.37
CA GLY B 51 -17.06 13.13 -24.13
C GLY B 51 -16.59 12.97 -25.54
N ASP B 52 -16.81 13.96 -26.39
CA ASP B 52 -16.29 13.82 -27.73
C ASP B 52 -14.79 14.13 -27.80
N VAL B 53 -14.13 13.73 -28.88
CA VAL B 53 -12.66 13.82 -28.88
C VAL B 53 -12.11 15.24 -28.62
N GLY B 54 -12.65 16.24 -29.30
CA GLY B 54 -12.38 17.67 -29.05
C GLY B 54 -12.54 18.12 -27.60
N ALA B 55 -13.66 17.77 -26.97
CA ALA B 55 -13.96 18.25 -25.63
C ALA B 55 -13.04 17.54 -24.66
N VAL B 56 -12.75 16.26 -24.90
CA VAL B 56 -11.83 15.46 -24.05
C VAL B 56 -10.39 16.01 -24.18
N LYS B 57 -9.98 16.31 -25.42
CA LYS B 57 -8.65 16.95 -25.59
C LYS B 57 -8.55 18.28 -24.84
N ALA B 58 -9.49 19.20 -25.03
CA ALA B 58 -9.45 20.46 -24.26
C ALA B 58 -9.54 20.23 -22.76
N ALA B 59 -10.33 19.23 -22.32
CA ALA B 59 -10.53 19.00 -20.94
C ALA B 59 -9.25 18.47 -20.31
N THR B 60 -8.65 17.47 -20.91
CA THR B 60 -7.38 16.97 -20.33
C THR B 60 -6.32 18.09 -20.28
N ASP B 61 -6.20 18.91 -21.32
CA ASP B 61 -5.07 19.93 -21.34
C ASP B 61 -5.32 20.88 -20.18
N ALA B 62 -6.57 21.28 -19.99
CA ALA B 62 -6.89 22.20 -18.90
C ALA B 62 -6.71 21.53 -17.53
N GLY B 63 -7.01 20.23 -17.44
CA GLY B 63 -6.92 19.49 -16.18
C GLY B 63 -5.46 19.26 -15.82
N ALA B 64 -4.67 18.88 -16.80
CA ALA B 64 -3.21 18.87 -16.60
C ALA B 64 -2.68 20.23 -16.14
N ALA B 65 -3.08 21.34 -16.78
CA ALA B 65 -2.46 22.65 -16.46
C ALA B 65 -2.82 23.13 -15.02
N ALA B 66 -4.07 22.91 -14.64
CA ALA B 66 -4.53 23.23 -13.31
C ALA B 66 -3.90 22.34 -12.23
N ALA B 67 -3.71 21.05 -12.53
CA ALA B 67 -3.08 20.15 -11.58
C ALA B 67 -1.58 20.58 -11.35
N ARG B 68 -0.89 20.94 -12.43
CA ARG B 68 0.54 21.31 -12.34
C ARG B 68 0.82 22.44 -11.43
N ASN B 69 -0.13 23.34 -11.29
CA ASN B 69 -0.13 24.46 -10.32
C ASN B 69 -0.27 23.98 -8.89
N VAL B 70 -0.71 22.73 -8.68
CA VAL B 70 -0.96 22.29 -7.35
C VAL B 70 -0.07 21.14 -6.93
N GLY B 71 0.33 20.26 -7.86
CA GLY B 71 1.03 19.03 -7.52
C GLY B 71 1.75 18.49 -8.74
N GLU B 72 2.06 17.21 -8.70
CA GLU B 72 2.81 16.53 -9.75
C GLU B 72 1.81 15.86 -10.72
N VAL B 73 1.91 16.16 -12.00
CA VAL B 73 1.18 15.43 -13.06
C VAL B 73 2.05 14.34 -13.56
N LYS B 74 1.52 13.11 -13.60
CA LYS B 74 2.34 11.99 -14.10
C LYS B 74 2.01 11.59 -15.53
N ALA B 75 0.75 11.66 -15.93
CA ALA B 75 0.39 11.33 -17.34
C ALA B 75 -0.90 12.03 -17.70
N VAL B 76 -1.02 12.37 -18.98
CA VAL B 76 -2.18 13.00 -19.60
C VAL B 76 -2.36 12.18 -20.88
N HIS B 77 -3.53 11.55 -21.09
CA HIS B 77 -3.70 10.82 -22.31
C HIS B 77 -5.14 10.87 -22.83
N VAL B 78 -5.35 10.79 -24.14
CA VAL B 78 -6.69 10.76 -24.72
C VAL B 78 -6.75 9.47 -25.55
N ILE B 79 -7.83 8.72 -25.40
CA ILE B 79 -8.22 7.64 -26.35
C ILE B 79 -9.42 8.07 -27.17
N PRO B 80 -9.19 8.36 -28.49
CA PRO B 80 -10.35 8.96 -29.18
C PRO B 80 -11.49 7.95 -29.43
N ARG B 81 -11.20 6.68 -29.67
CA ARG B 81 -12.25 5.67 -29.99
C ARG B 81 -12.02 4.39 -29.20
N PRO B 82 -12.35 4.38 -27.90
CA PRO B 82 -11.83 3.27 -27.12
C PRO B 82 -12.62 1.98 -27.42
N HIS B 83 -11.92 0.86 -27.53
CA HIS B 83 -12.58 -0.43 -27.79
C HIS B 83 -13.60 -0.75 -26.73
N THR B 84 -14.73 -1.31 -27.15
CA THR B 84 -15.73 -1.88 -26.24
C THR B 84 -15.15 -2.61 -24.99
N ASP B 85 -14.13 -3.46 -25.13
CA ASP B 85 -13.59 -4.15 -23.93
C ASP B 85 -13.08 -3.20 -22.84
N VAL B 86 -12.82 -1.94 -23.19
CA VAL B 86 -12.24 -1.03 -22.24
C VAL B 86 -13.28 -0.57 -21.23
N GLU B 87 -14.56 -0.50 -21.64
CA GLU B 87 -15.69 -0.28 -20.69
C GLU B 87 -15.56 -1.16 -19.43
N LYS B 88 -15.44 -2.48 -19.60
CA LYS B 88 -15.03 -3.41 -18.51
C LYS B 88 -14.23 -2.81 -17.35
N ILE B 89 -13.07 -2.21 -17.62
CA ILE B 89 -12.14 -1.79 -16.56
C ILE B 89 -12.23 -0.29 -16.15
N LEU B 90 -13.29 0.42 -16.55
CA LEU B 90 -13.44 1.84 -16.12
C LEU B 90 -14.37 2.04 -14.91
N PRO B 91 -14.05 3.00 -13.98
CA PRO B 91 -14.93 3.26 -12.79
C PRO B 91 -16.41 3.34 -13.14
N GLU C 6 2.11 -31.41 5.33
CA GLU C 6 3.02 -31.55 4.17
C GLU C 6 3.99 -30.35 4.02
N ALA C 7 4.85 -30.42 3.03
CA ALA C 7 5.86 -29.39 2.83
C ALA C 7 5.24 -28.08 2.32
N LEU C 8 5.98 -26.98 2.53
CA LEU C 8 5.60 -25.65 2.14
C LEU C 8 6.68 -25.06 1.25
N GLY C 9 6.24 -24.53 0.11
CA GLY C 9 7.06 -23.89 -0.92
C GLY C 9 6.61 -22.46 -1.13
N MET C 10 7.58 -21.51 -1.19
CA MET C 10 7.27 -20.07 -1.37
C MET C 10 8.18 -19.53 -2.39
N VAL C 11 7.64 -18.82 -3.41
CA VAL C 11 8.51 -18.03 -4.29
C VAL C 11 8.01 -16.60 -4.22
N GLU C 12 8.93 -15.67 -3.96
CA GLU C 12 8.52 -14.27 -3.76
C GLU C 12 9.18 -13.39 -4.85
N THR C 13 8.40 -12.59 -5.57
CA THR C 13 8.85 -11.84 -6.73
C THR C 13 8.53 -10.34 -6.55
N LYS C 14 9.29 -9.47 -7.23
CA LYS C 14 8.83 -8.12 -7.42
C LYS C 14 7.86 -8.09 -8.60
N GLY C 15 6.59 -7.82 -8.29
CA GLY C 15 5.55 -7.73 -9.30
C GLY C 15 4.66 -8.96 -9.49
N LEU C 16 3.44 -8.72 -9.95
CA LEU C 16 2.44 -9.78 -10.12
C LEU C 16 2.66 -10.68 -11.35
N THR C 17 3.24 -10.10 -12.40
CA THR C 17 3.44 -10.82 -13.66
C THR C 17 4.49 -11.93 -13.39
N ALA C 18 5.62 -11.63 -12.74
CA ALA C 18 6.56 -12.66 -12.32
C ALA C 18 5.98 -13.70 -11.35
N ALA C 19 5.07 -13.28 -10.44
CA ALA C 19 4.50 -14.19 -9.50
C ALA C 19 3.56 -15.16 -10.22
N ILE C 20 2.81 -14.64 -11.22
CA ILE C 20 1.89 -15.53 -11.95
C ILE C 20 2.75 -16.54 -12.77
N GLU C 21 3.80 -16.07 -13.42
CA GLU C 21 4.68 -17.05 -14.08
C GLU C 21 5.11 -18.15 -13.08
N ALA C 22 5.65 -17.73 -11.91
CA ALA C 22 6.16 -18.69 -10.91
C ALA C 22 5.02 -19.68 -10.57
N ALA C 23 3.84 -19.14 -10.35
CA ALA C 23 2.72 -19.96 -9.91
C ALA C 23 2.32 -21.06 -10.97
N ASP C 24 2.17 -20.62 -12.20
CA ASP C 24 1.96 -21.51 -13.34
C ASP C 24 3.03 -22.55 -13.49
N ALA C 25 4.29 -22.12 -13.41
CA ALA C 25 5.39 -23.07 -13.55
C ALA C 25 5.36 -24.12 -12.41
N MET C 26 5.02 -23.69 -11.20
CA MET C 26 5.04 -24.57 -10.07
C MET C 26 3.93 -25.59 -10.16
N VAL C 27 2.69 -25.18 -10.41
CA VAL C 27 1.65 -26.20 -10.42
C VAL C 27 1.81 -27.08 -11.63
N ASP C 28 2.41 -26.52 -12.69
CA ASP C 28 2.56 -27.29 -13.90
C ASP C 28 3.61 -28.38 -13.67
N SER C 29 4.63 -28.09 -12.86
CA SER C 29 5.78 -28.96 -12.77
C SER C 29 5.63 -30.19 -11.88
N ALA C 30 4.62 -30.25 -11.00
CA ALA C 30 4.59 -31.36 -10.03
C ALA C 30 3.23 -31.59 -9.41
N ASN C 31 3.16 -32.52 -8.48
CA ASN C 31 1.92 -32.71 -7.71
C ASN C 31 1.87 -31.77 -6.48
N VAL C 32 1.70 -30.49 -6.72
CA VAL C 32 1.59 -29.53 -5.64
C VAL C 32 0.21 -28.84 -5.71
N MET C 33 -0.27 -28.34 -4.57
CA MET C 33 -1.49 -27.51 -4.48
C MET C 33 -1.12 -26.01 -4.37
N LEU C 34 -1.57 -25.20 -5.32
CA LEU C 34 -1.51 -23.76 -5.23
C LEU C 34 -2.44 -23.26 -4.16
N VAL C 35 -1.89 -22.72 -3.09
CA VAL C 35 -2.65 -21.95 -2.11
C VAL C 35 -3.14 -20.59 -2.66
N GLY C 36 -2.24 -19.77 -3.16
CA GLY C 36 -2.70 -18.48 -3.66
C GLY C 36 -1.46 -17.64 -3.51
N TYR C 37 -1.66 -16.33 -3.35
CA TYR C 37 -0.55 -15.44 -3.18
C TYR C 37 -0.89 -14.38 -2.21
N GLU C 38 0.15 -13.70 -1.76
CA GLU C 38 0.03 -12.80 -0.67
C GLU C 38 0.70 -11.55 -1.09
N LYS C 39 0.04 -10.40 -0.92
CA LYS C 39 0.67 -9.11 -1.20
C LYS C 39 1.21 -8.50 0.11
N ILE C 40 2.41 -7.94 0.08
CA ILE C 40 2.97 -7.36 1.32
C ILE C 40 3.47 -5.91 1.13
N GLY C 41 3.32 -5.36 -0.08
CA GLY C 41 3.64 -3.95 -0.39
C GLY C 41 5.02 -3.92 -1.00
N SER C 42 5.45 -2.71 -1.37
CA SER C 42 6.52 -2.43 -2.35
C SER C 42 6.56 -3.38 -3.55
N GLY C 43 5.40 -3.81 -4.03
CA GLY C 43 5.30 -4.62 -5.23
C GLY C 43 5.56 -6.10 -5.02
N LEU C 44 5.78 -6.53 -3.75
CA LEU C 44 6.21 -7.89 -3.49
C LEU C 44 5.05 -8.85 -3.36
N VAL C 45 5.15 -9.98 -4.03
CA VAL C 45 4.06 -10.94 -4.05
C VAL C 45 4.75 -12.28 -3.67
N THR C 46 4.14 -13.04 -2.74
CA THR C 46 4.69 -14.37 -2.34
C THR C 46 3.77 -15.41 -2.86
N VAL C 47 4.29 -16.35 -3.63
CA VAL C 47 3.40 -17.47 -4.06
C VAL C 47 3.64 -18.66 -3.14
N ILE C 48 2.55 -19.32 -2.70
CA ILE C 48 2.69 -20.38 -1.73
C ILE C 48 2.07 -21.69 -2.27
N VAL C 49 2.77 -22.81 -2.11
CA VAL C 49 2.33 -24.11 -2.59
C VAL C 49 2.56 -25.14 -1.47
N ARG C 50 1.76 -26.22 -1.49
CA ARG C 50 1.88 -27.32 -0.55
C ARG C 50 1.92 -28.64 -1.32
N GLY C 51 2.63 -29.63 -0.78
CA GLY C 51 2.67 -30.94 -1.47
C GLY C 51 3.68 -31.74 -0.69
N ASP C 52 4.10 -32.85 -1.27
CA ASP C 52 5.13 -33.64 -0.62
C ASP C 52 6.48 -32.96 -0.87
N VAL C 53 7.48 -33.29 -0.06
CA VAL C 53 8.72 -32.51 -0.09
C VAL C 53 9.42 -32.58 -1.47
N GLY C 54 9.49 -33.77 -2.07
CA GLY C 54 10.10 -33.91 -3.39
C GLY C 54 9.48 -33.04 -4.47
N ALA C 55 8.15 -33.06 -4.57
CA ALA C 55 7.37 -32.17 -5.50
C ALA C 55 7.51 -30.65 -5.22
N VAL C 56 7.56 -30.28 -3.95
CA VAL C 56 7.66 -28.88 -3.51
C VAL C 56 9.06 -28.40 -3.82
N LYS C 57 9.99 -29.28 -3.67
CA LYS C 57 11.38 -28.93 -4.09
C LYS C 57 11.50 -28.77 -5.61
N ALA C 58 10.91 -29.73 -6.35
CA ALA C 58 10.75 -29.64 -7.82
C ALA C 58 9.99 -28.35 -8.18
N ALA C 59 8.82 -28.14 -7.59
CA ALA C 59 8.03 -26.97 -7.99
C ALA C 59 8.66 -25.58 -7.68
N THR C 60 9.32 -25.42 -6.53
CA THR C 60 9.90 -24.10 -6.15
C THR C 60 11.10 -23.80 -7.04
N ASP C 61 11.80 -24.87 -7.43
CA ASP C 61 12.94 -24.73 -8.40
C ASP C 61 12.43 -24.26 -9.73
N ALA C 62 11.39 -24.93 -10.24
CA ALA C 62 10.73 -24.65 -11.52
C ALA C 62 10.19 -23.22 -11.50
N GLY C 63 9.56 -22.86 -10.38
CA GLY C 63 8.93 -21.56 -10.24
C GLY C 63 9.88 -20.38 -10.29
N ALA C 64 10.98 -20.52 -9.56
CA ALA C 64 11.96 -19.46 -9.43
C ALA C 64 12.75 -19.25 -10.71
N ALA C 65 13.14 -20.35 -11.38
CA ALA C 65 13.80 -20.23 -12.70
C ALA C 65 12.83 -19.64 -13.75
N ALA C 66 11.56 -20.01 -13.72
CA ALA C 66 10.70 -19.37 -14.64
C ALA C 66 10.53 -17.88 -14.37
N ALA C 67 10.38 -17.49 -13.11
CA ALA C 67 10.15 -16.09 -12.76
C ALA C 67 11.32 -15.15 -13.06
N ARG C 68 12.56 -15.65 -12.94
CA ARG C 68 13.74 -14.86 -13.26
C ARG C 68 13.71 -14.34 -14.68
N ASN C 69 12.96 -15.01 -15.56
CA ASN C 69 12.86 -14.57 -16.97
C ASN C 69 11.81 -13.50 -17.20
N VAL C 70 11.03 -13.21 -16.17
CA VAL C 70 9.93 -12.26 -16.29
C VAL C 70 10.21 -11.00 -15.47
N GLY C 71 10.81 -11.18 -14.30
CA GLY C 71 11.09 -10.13 -13.34
C GLY C 71 11.98 -10.64 -12.21
N GLU C 72 12.03 -9.85 -11.14
CA GLU C 72 12.90 -10.09 -10.02
C GLU C 72 12.32 -11.11 -9.03
N VAL C 73 13.11 -12.07 -8.64
CA VAL C 73 12.69 -13.07 -7.64
C VAL C 73 13.33 -12.65 -6.33
N LYS C 74 12.53 -12.56 -5.28
CA LYS C 74 13.09 -12.01 -4.05
C LYS C 74 13.46 -13.07 -3.08
N ALA C 75 12.64 -14.11 -3.00
CA ALA C 75 13.01 -15.24 -2.17
C ALA C 75 12.51 -16.54 -2.71
N VAL C 76 13.28 -17.60 -2.39
CA VAL C 76 12.86 -18.95 -2.74
C VAL C 76 13.08 -19.81 -1.52
N HIS C 77 12.04 -20.47 -0.98
CA HIS C 77 12.32 -21.28 0.19
C HIS C 77 11.41 -22.45 0.30
N VAL C 78 11.90 -23.56 0.85
CA VAL C 78 11.05 -24.75 1.16
C VAL C 78 11.15 -25.10 2.64
N ILE C 79 10.01 -25.36 3.29
CA ILE C 79 9.97 -25.89 4.62
C ILE C 79 9.39 -27.28 4.54
N PRO C 80 10.26 -28.34 4.66
CA PRO C 80 9.79 -29.74 4.55
C PRO C 80 8.58 -29.99 5.48
N ARG C 81 8.61 -29.50 6.71
CA ARG C 81 7.58 -29.84 7.69
C ARG C 81 7.44 -28.66 8.61
N PRO C 82 6.55 -27.72 8.29
CA PRO C 82 6.40 -26.57 9.21
C PRO C 82 5.81 -26.97 10.52
N HIS C 83 6.16 -26.23 11.56
CA HIS C 83 5.61 -26.47 12.89
C HIS C 83 4.12 -26.21 12.91
N THR C 84 3.37 -26.97 13.73
CA THR C 84 1.91 -26.76 13.94
C THR C 84 1.45 -25.32 14.19
N ASP C 85 2.13 -24.61 15.10
CA ASP C 85 1.84 -23.19 15.40
C ASP C 85 1.99 -22.37 14.13
N VAL C 86 2.79 -22.84 13.19
CA VAL C 86 3.06 -22.01 11.99
C VAL C 86 1.94 -22.29 10.99
N GLU C 87 1.55 -23.57 10.86
CA GLU C 87 0.34 -23.94 10.07
C GLU C 87 -0.83 -23.02 10.32
N LYS C 88 -1.16 -22.83 11.60
CA LYS C 88 -2.14 -21.81 12.06
C LYS C 88 -2.11 -20.43 11.40
N ILE C 89 -0.94 -19.89 11.10
CA ILE C 89 -0.83 -18.53 10.59
C ILE C 89 -0.62 -18.46 9.07
N LEU C 90 -0.53 -19.62 8.43
CA LEU C 90 -0.35 -19.68 6.99
C LEU C 90 -1.67 -19.50 6.23
N PRO C 91 -1.62 -18.74 5.14
CA PRO C 91 -2.67 -18.65 4.10
C PRO C 91 -3.32 -20.00 3.76
N GLU D 6 -6.26 -21.66 -23.59
CA GLU D 6 -5.91 -20.48 -24.46
C GLU D 6 -4.99 -19.50 -23.72
N ALA D 7 -4.11 -18.87 -24.48
CA ALA D 7 -2.97 -18.19 -23.94
C ALA D 7 -3.38 -16.94 -23.12
N LEU D 8 -2.41 -16.48 -22.34
CA LEU D 8 -2.64 -15.37 -21.39
C LEU D 8 -1.52 -14.42 -21.69
N GLY D 9 -1.88 -13.17 -21.99
CA GLY D 9 -0.87 -12.11 -22.18
C GLY D 9 -1.02 -11.21 -20.96
N MET D 10 0.11 -10.80 -20.41
CA MET D 10 0.14 -9.87 -19.30
C MET D 10 1.03 -8.66 -19.57
N VAL D 11 0.47 -7.46 -19.34
CA VAL D 11 1.31 -6.27 -19.40
C VAL D 11 1.17 -5.55 -18.07
N GLU D 12 2.29 -5.34 -17.40
CA GLU D 12 2.23 -4.70 -16.08
C GLU D 12 2.89 -3.35 -16.18
N THR D 13 2.23 -2.30 -15.70
CA THR D 13 2.89 -0.97 -15.76
C THR D 13 2.99 -0.34 -14.35
N LYS D 14 3.81 0.70 -14.18
CA LYS D 14 3.61 1.62 -13.05
C LYS D 14 2.74 2.78 -13.56
N GLY D 15 1.46 2.85 -13.16
CA GLY D 15 0.58 3.89 -13.71
C GLY D 15 -0.67 3.27 -14.35
N LEU D 16 -1.84 3.76 -13.98
CA LEU D 16 -3.07 3.24 -14.52
C LEU D 16 -3.29 3.72 -15.97
N THR D 17 -2.93 4.99 -16.30
CA THR D 17 -3.13 5.52 -17.66
C THR D 17 -2.34 4.67 -18.69
N ALA D 18 -1.10 4.34 -18.35
CA ALA D 18 -0.29 3.39 -19.12
C ALA D 18 -1.00 2.03 -19.27
N ALA D 19 -1.65 1.51 -18.23
CA ALA D 19 -2.42 0.24 -18.26
C ALA D 19 -3.66 0.31 -19.14
N ILE D 20 -4.36 1.45 -19.04
CA ILE D 20 -5.59 1.60 -19.85
C ILE D 20 -5.15 1.65 -21.31
N GLU D 21 -4.06 2.35 -21.57
CA GLU D 21 -3.59 2.43 -22.97
C GLU D 21 -3.10 1.07 -23.48
N ALA D 22 -2.46 0.25 -22.64
CA ALA D 22 -1.94 -1.00 -23.09
C ALA D 22 -3.16 -1.91 -23.40
N ALA D 23 -4.19 -1.86 -22.57
CA ALA D 23 -5.41 -2.61 -22.79
C ALA D 23 -6.05 -2.20 -24.09
N ASP D 24 -6.44 -0.94 -24.23
CA ASP D 24 -6.93 -0.46 -25.54
C ASP D 24 -6.14 -1.05 -26.71
N ALA D 25 -4.82 -1.01 -26.62
CA ALA D 25 -3.99 -1.50 -27.69
C ALA D 25 -3.92 -3.04 -27.85
N MET D 26 -4.58 -3.80 -27.00
CA MET D 26 -4.41 -5.25 -27.03
C MET D 26 -5.62 -6.00 -27.52
N VAL D 27 -6.78 -5.36 -27.55
CA VAL D 27 -7.99 -6.09 -27.80
C VAL D 27 -8.57 -6.08 -29.23
N ASP D 28 -7.93 -5.41 -30.20
CA ASP D 28 -8.48 -5.33 -31.60
C ASP D 28 -8.65 -6.72 -32.20
N SER D 29 -7.46 -7.29 -32.37
CA SER D 29 -7.07 -8.65 -32.14
C SER D 29 -7.94 -9.81 -32.57
N ALA D 30 -7.22 -10.78 -33.16
CA ALA D 30 -7.77 -11.89 -33.96
C ALA D 30 -8.39 -12.92 -33.03
N ASN D 31 -9.02 -12.33 -32.01
CA ASN D 31 -9.44 -13.00 -30.80
C ASN D 31 -8.47 -13.05 -29.61
N VAL D 32 -8.44 -11.88 -28.99
CA VAL D 32 -8.02 -11.75 -27.63
C VAL D 32 -9.11 -10.90 -26.98
N MET D 33 -9.63 -11.36 -25.85
CA MET D 33 -10.40 -10.48 -25.04
C MET D 33 -9.65 -10.04 -23.78
N LEU D 34 -10.05 -8.87 -23.28
CA LEU D 34 -9.58 -8.35 -22.00
C LEU D 34 -10.24 -9.12 -20.84
N VAL D 35 -9.42 -9.73 -19.98
CA VAL D 35 -9.91 -10.32 -18.71
C VAL D 35 -10.13 -9.19 -17.68
N GLY D 36 -9.07 -8.42 -17.40
CA GLY D 36 -9.16 -7.23 -16.54
C GLY D 36 -7.77 -6.71 -16.18
N TYR D 37 -7.69 -5.89 -15.12
CA TYR D 37 -6.39 -5.64 -14.54
C TYR D 37 -6.33 -5.96 -13.05
N GLU D 38 -5.14 -6.03 -12.50
CA GLU D 38 -5.02 -6.27 -11.06
C GLU D 38 -4.06 -5.27 -10.48
N LYS D 39 -4.45 -4.62 -9.38
CA LYS D 39 -3.55 -3.75 -8.62
C LYS D 39 -2.94 -4.55 -7.49
N ILE D 40 -1.64 -4.41 -7.28
CA ILE D 40 -0.98 -4.96 -6.11
C ILE D 40 -0.37 -3.87 -5.24
N GLY D 41 -0.90 -2.66 -5.44
CA GLY D 41 -0.48 -1.52 -4.66
C GLY D 41 0.83 -1.10 -5.26
N SER D 42 1.46 -0.12 -4.60
CA SER D 42 2.72 0.49 -5.09
C SER D 42 2.74 1.01 -6.56
N GLY D 43 1.58 1.45 -7.04
CA GLY D 43 1.49 2.03 -8.39
C GLY D 43 1.50 1.02 -9.54
N LEU D 44 1.54 -0.27 -9.21
CA LEU D 44 1.72 -1.37 -10.18
C LEU D 44 0.42 -2.01 -10.58
N VAL D 45 0.14 -2.00 -11.91
CA VAL D 45 -1.14 -2.42 -12.43
C VAL D 45 -0.87 -3.55 -13.44
N THR D 46 -1.55 -4.68 -13.34
CA THR D 46 -1.22 -5.72 -14.36
C THR D 46 -2.39 -5.89 -15.23
N VAL D 47 -2.29 -5.69 -16.56
CA VAL D 47 -3.46 -5.93 -17.41
C VAL D 47 -3.36 -7.33 -18.06
N ILE D 48 -4.48 -8.03 -18.13
CA ILE D 48 -4.45 -9.42 -18.53
C ILE D 48 -5.42 -9.68 -19.66
N VAL D 49 -4.92 -10.34 -20.71
CA VAL D 49 -5.77 -10.68 -21.84
C VAL D 49 -5.67 -12.19 -22.05
N ARG D 50 -6.70 -12.74 -22.67
CA ARG D 50 -6.76 -14.13 -23.06
C ARG D 50 -7.08 -14.27 -24.56
N GLY D 51 -6.43 -15.22 -25.24
CA GLY D 51 -6.69 -15.51 -26.66
C GLY D 51 -5.79 -16.59 -27.25
N ASP D 52 -5.72 -16.72 -28.58
CA ASP D 52 -4.82 -17.75 -29.12
C ASP D 52 -3.40 -17.21 -29.17
N VAL D 53 -2.43 -18.11 -29.05
CA VAL D 53 -1.03 -17.70 -28.69
C VAL D 53 -0.46 -16.59 -29.60
N GLY D 54 -0.80 -16.71 -30.89
CA GLY D 54 -0.29 -15.79 -31.91
C GLY D 54 -0.80 -14.37 -31.79
N ALA D 55 -2.10 -14.22 -31.66
CA ALA D 55 -2.67 -12.90 -31.54
C ALA D 55 -2.28 -12.33 -30.14
N VAL D 56 -2.20 -13.20 -29.14
CA VAL D 56 -1.84 -12.82 -27.77
C VAL D 56 -0.40 -12.30 -27.80
N LYS D 57 0.50 -13.04 -28.41
CA LYS D 57 1.87 -12.55 -28.52
C LYS D 57 1.96 -11.18 -29.23
N ALA D 58 1.33 -11.09 -30.41
CA ALA D 58 1.19 -9.82 -31.11
C ALA D 58 0.52 -8.76 -30.20
N ALA D 59 -0.61 -9.09 -29.50
CA ALA D 59 -1.36 -8.13 -28.64
C ALA D 59 -0.54 -7.62 -27.48
N THR D 60 0.20 -8.51 -26.81
CA THR D 60 1.00 -8.04 -25.68
C THR D 60 2.16 -7.21 -26.16
N ASP D 61 2.73 -7.51 -27.32
CA ASP D 61 3.78 -6.65 -27.83
C ASP D 61 3.23 -5.24 -28.12
N ALA D 62 2.04 -5.22 -28.69
CA ALA D 62 1.44 -3.92 -29.11
C ALA D 62 1.07 -3.15 -27.84
N GLY D 63 0.71 -3.88 -26.78
CA GLY D 63 0.30 -3.23 -25.52
C GLY D 63 1.47 -2.53 -24.90
N ALA D 64 2.62 -3.21 -24.87
CA ALA D 64 3.80 -2.70 -24.25
C ALA D 64 4.37 -1.55 -24.96
N ALA D 65 4.29 -1.58 -26.29
CA ALA D 65 4.78 -0.45 -27.09
C ALA D 65 3.85 0.78 -26.83
N ALA D 66 2.53 0.57 -26.81
CA ALA D 66 1.54 1.67 -26.51
C ALA D 66 1.71 2.25 -25.12
N ALA D 67 1.77 1.36 -24.12
CA ALA D 67 1.93 1.78 -22.76
C ALA D 67 3.25 2.52 -22.58
N ARG D 68 4.30 2.03 -23.20
CA ARG D 68 5.62 2.68 -23.09
C ARG D 68 5.62 4.15 -23.52
N ASN D 69 4.73 4.53 -24.44
CA ASN D 69 4.54 5.92 -24.89
C ASN D 69 4.01 6.79 -23.76
N VAL D 70 3.22 6.16 -22.90
CA VAL D 70 2.42 6.88 -21.93
C VAL D 70 3.07 6.84 -20.56
N GLY D 71 3.82 5.78 -20.25
CA GLY D 71 4.22 5.45 -18.88
C GLY D 71 5.42 4.53 -18.80
N GLU D 72 5.61 3.91 -17.65
CA GLU D 72 6.70 2.94 -17.41
C GLU D 72 6.14 1.54 -17.55
N VAL D 73 6.67 0.72 -18.47
CA VAL D 73 6.22 -0.66 -18.54
C VAL D 73 7.11 -1.48 -17.59
N LYS D 74 6.52 -2.31 -16.73
CA LYS D 74 7.31 -3.09 -15.77
C LYS D 74 7.58 -4.53 -16.18
N ALA D 75 6.54 -5.22 -16.65
CA ALA D 75 6.72 -6.59 -17.12
C ALA D 75 5.94 -6.75 -18.39
N VAL D 76 6.43 -7.61 -19.30
CA VAL D 76 5.63 -8.10 -20.45
C VAL D 76 5.70 -9.63 -20.60
N HIS D 77 4.57 -10.33 -20.57
CA HIS D 77 4.70 -11.76 -20.59
C HIS D 77 3.56 -12.47 -21.21
N VAL D 78 3.90 -13.57 -21.90
CA VAL D 78 2.92 -14.52 -22.44
C VAL D 78 3.01 -15.92 -21.82
N ILE D 79 1.88 -16.46 -21.37
CA ILE D 79 1.81 -17.88 -21.01
C ILE D 79 0.93 -18.61 -22.01
N PRO D 80 1.56 -19.39 -22.93
CA PRO D 80 0.83 -20.05 -24.04
C PRO D 80 -0.20 -21.07 -23.60
N ARG D 81 0.15 -21.88 -22.61
CA ARG D 81 -0.72 -22.98 -22.24
C ARG D 81 -0.82 -23.05 -20.71
N PRO D 82 -1.66 -22.17 -20.14
CA PRO D 82 -1.61 -22.03 -18.68
C PRO D 82 -2.32 -23.14 -18.00
N HIS D 83 -1.87 -23.51 -16.80
CA HIS D 83 -2.47 -24.58 -16.06
C HIS D 83 -3.82 -24.17 -15.61
N THR D 84 -4.76 -25.11 -15.50
CA THR D 84 -6.05 -24.88 -14.82
C THR D 84 -5.98 -24.17 -13.46
N ASP D 85 -4.96 -24.45 -12.66
CA ASP D 85 -4.95 -23.99 -11.25
C ASP D 85 -4.65 -22.49 -11.07
N VAL D 86 -3.83 -21.97 -11.97
CA VAL D 86 -3.64 -20.54 -12.15
C VAL D 86 -4.94 -19.72 -12.30
N GLU D 87 -5.99 -20.31 -12.89
CA GLU D 87 -7.26 -19.58 -13.12
C GLU D 87 -7.65 -18.94 -11.79
N LYS D 88 -7.67 -19.77 -10.76
CA LYS D 88 -8.03 -19.39 -9.40
C LYS D 88 -7.22 -18.24 -8.79
N ILE D 89 -6.08 -17.86 -9.38
CA ILE D 89 -5.42 -16.60 -8.97
C ILE D 89 -5.52 -15.42 -9.96
N LEU D 90 -6.37 -15.53 -10.99
CA LEU D 90 -6.54 -14.42 -11.93
C LEU D 90 -7.78 -13.60 -11.62
N PRO D 91 -7.73 -12.26 -11.84
CA PRO D 91 -8.89 -11.35 -11.63
C PRO D 91 -10.13 -11.76 -12.40
N GLU E 6 3.83 -12.07 30.69
CA GLU E 6 5.01 -12.74 30.06
C GLU E 6 5.74 -11.98 28.92
N ALA E 7 7.01 -12.32 28.66
CA ALA E 7 7.87 -11.58 27.74
C ALA E 7 7.37 -11.59 26.27
N LEU E 8 7.93 -10.67 25.48
CA LEU E 8 7.43 -10.40 24.13
C LEU E 8 8.66 -10.31 23.22
N GLY E 9 8.60 -11.06 22.14
CA GLY E 9 9.67 -11.14 21.14
C GLY E 9 9.09 -10.78 19.78
N MET E 10 9.84 -10.04 18.98
CA MET E 10 9.40 -9.67 17.60
C MET E 10 10.62 -9.78 16.67
N VAL E 11 10.44 -10.31 15.46
CA VAL E 11 11.43 -10.24 14.38
C VAL E 11 10.68 -9.65 13.21
N GLU E 12 11.22 -8.57 12.63
CA GLU E 12 10.59 -7.90 11.53
C GLU E 12 11.50 -8.03 10.32
N THR E 13 10.91 -8.54 9.25
CA THR E 13 11.62 -8.87 8.06
C THR E 13 11.07 -8.02 6.93
N LYS E 14 11.88 -7.90 5.89
CA LYS E 14 11.36 -7.39 4.66
C LYS E 14 11.11 -8.62 3.75
N GLY E 15 9.84 -9.05 3.62
CA GLY E 15 9.57 -10.26 2.87
C GLY E 15 8.74 -11.23 3.72
N LEU E 16 7.77 -11.84 3.08
CA LEU E 16 6.91 -12.80 3.79
C LEU E 16 7.64 -14.15 4.00
N THR E 17 8.41 -14.52 2.97
CA THR E 17 9.13 -15.79 3.00
C THR E 17 10.15 -15.80 4.19
N ALA E 18 10.95 -14.74 4.34
CA ALA E 18 11.87 -14.64 5.51
C ALA E 18 11.08 -14.66 6.89
N ALA E 19 9.92 -14.00 6.97
CA ALA E 19 9.08 -14.00 8.20
C ALA E 19 8.57 -15.41 8.56
N ILE E 20 8.14 -16.20 7.56
CA ILE E 20 7.63 -17.60 7.86
C ILE E 20 8.81 -18.47 8.38
N GLU E 21 9.96 -18.30 7.74
CA GLU E 21 11.13 -18.91 8.23
C GLU E 21 11.49 -18.47 9.61
N ALA E 22 11.42 -17.17 9.93
CA ALA E 22 11.65 -16.76 11.30
C ALA E 22 10.70 -17.44 12.26
N ALA E 23 9.41 -17.40 11.94
CA ALA E 23 8.40 -18.03 12.81
C ALA E 23 8.69 -19.51 13.01
N ASP E 24 8.86 -20.28 11.96
CA ASP E 24 9.27 -21.71 12.11
C ASP E 24 10.53 -21.99 12.96
N ALA E 25 11.62 -21.26 12.71
CA ALA E 25 12.83 -21.35 13.51
C ALA E 25 12.64 -20.95 14.99
N MET E 26 11.75 -19.99 15.25
CA MET E 26 11.51 -19.52 16.59
C MET E 26 10.86 -20.63 17.41
N VAL E 27 9.77 -21.21 16.91
CA VAL E 27 9.05 -22.25 17.69
C VAL E 27 9.83 -23.58 17.76
N ASP E 28 10.70 -23.87 16.77
CA ASP E 28 11.64 -24.97 16.92
C ASP E 28 12.89 -24.65 17.75
N SER E 29 12.96 -23.43 18.25
CA SER E 29 14.11 -23.06 19.08
C SER E 29 13.88 -23.09 20.57
N ALA E 30 12.63 -22.89 21.00
CA ALA E 30 12.39 -22.60 22.42
C ALA E 30 10.94 -22.79 22.70
N ASN E 31 10.61 -22.65 23.99
CA ASN E 31 9.24 -22.78 24.46
C ASN E 31 8.39 -21.50 24.33
N VAL E 32 8.15 -21.10 23.08
CA VAL E 32 7.38 -19.92 22.81
C VAL E 32 6.11 -20.26 22.14
N MET E 33 5.09 -19.43 22.37
CA MET E 33 3.93 -19.42 21.52
C MET E 33 4.08 -18.31 20.44
N LEU E 34 3.84 -18.73 19.21
CA LEU E 34 3.65 -17.86 18.08
C LEU E 34 2.29 -17.25 18.13
N VAL E 35 2.26 -15.96 18.39
CA VAL E 35 1.04 -15.22 18.51
C VAL E 35 0.59 -14.93 17.09
N GLY E 36 1.50 -14.44 16.25
CA GLY E 36 1.12 -14.27 14.83
C GLY E 36 2.01 -13.31 14.10
N TYR E 37 1.56 -12.91 12.92
CA TYR E 37 2.33 -11.93 12.14
C TYR E 37 1.50 -10.70 11.76
N GLU E 38 2.18 -9.58 11.54
CA GLU E 38 1.53 -8.35 11.13
C GLU E 38 2.19 -7.76 9.88
N LYS E 39 1.37 -7.24 8.98
CA LYS E 39 1.82 -6.59 7.75
C LYS E 39 1.51 -5.08 7.83
N ILE E 40 2.45 -4.24 7.46
CA ILE E 40 2.35 -2.77 7.60
C ILE E 40 2.67 -2.05 6.29
N GLY E 41 3.01 -2.82 5.24
CA GLY E 41 3.29 -2.31 3.92
C GLY E 41 4.79 -2.10 3.74
N SER E 42 5.20 -1.67 2.56
CA SER E 42 6.66 -1.53 2.24
C SER E 42 7.45 -2.88 2.41
N GLY E 43 6.76 -4.01 2.30
CA GLY E 43 7.37 -5.36 2.46
C GLY E 43 7.67 -5.84 3.87
N LEU E 44 7.26 -5.07 4.86
CA LEU E 44 7.66 -5.32 6.21
C LEU E 44 6.65 -6.25 6.91
N VAL E 45 7.12 -7.39 7.43
CA VAL E 45 6.28 -8.35 8.18
C VAL E 45 6.94 -8.58 9.57
N THR E 46 6.13 -8.40 10.61
CA THR E 46 6.47 -8.68 12.00
C THR E 46 5.92 -10.00 12.52
N VAL E 47 6.81 -10.83 13.04
CA VAL E 47 6.41 -12.09 13.64
C VAL E 47 6.55 -11.94 15.12
N ILE E 48 5.56 -12.38 15.88
CA ILE E 48 5.58 -12.07 17.32
C ILE E 48 5.45 -13.34 18.15
N VAL E 49 6.28 -13.42 19.16
CA VAL E 49 6.21 -14.51 20.11
C VAL E 49 6.13 -14.05 21.57
N ARG E 50 5.63 -14.97 22.42
CA ARG E 50 5.40 -14.78 23.87
C ARG E 50 6.00 -15.96 24.62
N GLY E 51 6.51 -15.71 25.84
CA GLY E 51 7.15 -16.76 26.62
C GLY E 51 7.96 -16.15 27.74
N ASP E 52 8.67 -16.97 28.52
CA ASP E 52 9.50 -16.37 29.56
C ASP E 52 10.66 -15.67 28.85
N VAL E 53 11.33 -14.77 29.55
CA VAL E 53 12.33 -13.90 28.93
C VAL E 53 13.49 -14.68 28.24
N GLY E 54 13.97 -15.73 28.89
CA GLY E 54 15.03 -16.56 28.29
C GLY E 54 14.70 -17.24 26.97
N ALA E 55 13.56 -17.85 26.92
CA ALA E 55 13.11 -18.53 25.74
C ALA E 55 12.89 -17.49 24.62
N VAL E 56 12.33 -16.34 24.98
CA VAL E 56 11.94 -15.33 23.95
C VAL E 56 13.24 -14.80 23.41
N LYS E 57 14.21 -14.59 24.30
CA LYS E 57 15.54 -14.21 23.80
C LYS E 57 16.16 -15.30 22.88
N ALA E 58 16.10 -16.57 23.29
CA ALA E 58 16.66 -17.65 22.44
C ALA E 58 15.91 -17.67 21.08
N ALA E 59 14.60 -17.54 21.13
CA ALA E 59 13.78 -17.66 19.94
C ALA E 59 14.05 -16.54 18.94
N THR E 60 14.14 -15.29 19.42
CA THR E 60 14.31 -14.13 18.52
C THR E 60 15.69 -14.26 17.88
N ASP E 61 16.69 -14.72 18.63
CA ASP E 61 18.06 -14.84 18.05
C ASP E 61 18.04 -15.89 16.92
N ALA E 62 17.39 -17.00 17.20
CA ALA E 62 17.27 -18.09 16.23
C ALA E 62 16.37 -17.71 15.05
N GLY E 63 15.26 -17.01 15.31
CA GLY E 63 14.40 -16.50 14.25
C GLY E 63 15.12 -15.50 13.35
N ALA E 64 15.77 -14.52 13.97
CA ALA E 64 16.65 -13.63 13.21
C ALA E 64 17.70 -14.36 12.36
N ALA E 65 18.36 -15.37 12.93
CA ALA E 65 19.46 -16.01 12.20
C ALA E 65 18.89 -16.78 11.00
N ALA E 66 17.78 -17.52 11.18
CA ALA E 66 17.14 -18.25 10.06
C ALA E 66 16.62 -17.32 8.96
N ALA E 67 15.87 -16.24 9.33
CA ALA E 67 15.39 -15.25 8.35
C ALA E 67 16.56 -14.66 7.46
N ARG E 68 17.71 -14.39 8.07
CA ARG E 68 18.83 -13.73 7.32
C ARG E 68 19.38 -14.57 6.19
N ASN E 69 19.27 -15.90 6.29
CA ASN E 69 19.60 -16.85 5.22
C ASN E 69 18.56 -16.87 4.12
N VAL E 70 17.45 -16.20 4.35
CA VAL E 70 16.42 -16.15 3.37
C VAL E 70 16.10 -14.78 2.83
N GLY E 71 16.25 -13.72 3.62
CA GLY E 71 15.90 -12.33 3.20
C GLY E 71 16.56 -11.30 4.14
N GLU E 72 16.00 -10.07 4.29
CA GLU E 72 16.58 -9.08 5.20
C GLU E 72 15.77 -9.08 6.47
N VAL E 73 16.45 -8.97 7.58
CA VAL E 73 15.85 -8.70 8.89
C VAL E 73 15.93 -7.20 9.13
N LYS E 74 14.80 -6.58 9.46
CA LYS E 74 14.81 -5.14 9.72
C LYS E 74 14.88 -4.80 11.20
N ALA E 75 14.37 -5.66 12.05
CA ALA E 75 14.38 -5.40 13.52
C ALA E 75 14.27 -6.70 14.28
N VAL E 76 14.92 -6.74 15.43
CA VAL E 76 14.84 -7.86 16.34
C VAL E 76 14.73 -7.25 17.73
N HIS E 77 13.68 -7.59 18.50
CA HIS E 77 13.56 -6.97 19.81
C HIS E 77 12.83 -7.83 20.80
N VAL E 78 13.23 -7.69 22.07
CA VAL E 78 12.57 -8.34 23.18
C VAL E 78 12.14 -7.28 24.17
N ILE E 79 10.90 -7.40 24.66
CA ILE E 79 10.48 -6.68 25.85
C ILE E 79 10.27 -7.70 26.98
N PRO E 80 11.12 -7.67 28.02
CA PRO E 80 10.93 -8.75 29.00
C PRO E 80 9.68 -8.64 29.89
N ARG E 81 9.20 -7.42 30.13
CA ARG E 81 8.12 -7.22 31.09
C ARG E 81 7.20 -6.18 30.50
N PRO E 82 6.41 -6.52 29.44
CA PRO E 82 5.59 -5.51 28.78
C PRO E 82 4.45 -4.96 29.64
N HIS E 83 4.24 -3.66 29.57
CA HIS E 83 3.13 -2.99 30.28
C HIS E 83 1.84 -3.60 29.80
N THR E 84 0.94 -3.76 30.73
CA THR E 84 -0.36 -4.33 30.47
C THR E 84 -1.07 -3.57 29.34
N ASP E 85 -0.80 -2.27 29.18
CA ASP E 85 -1.52 -1.45 28.18
C ASP E 85 -1.17 -1.98 26.79
N VAL E 86 -0.04 -2.65 26.73
CA VAL E 86 0.50 -2.95 25.44
C VAL E 86 -0.14 -4.17 24.80
N GLU E 87 -0.89 -4.91 25.62
CA GLU E 87 -1.51 -6.15 25.20
C GLU E 87 -2.64 -5.88 24.22
N LYS E 88 -3.35 -4.78 24.43
CA LYS E 88 -4.35 -4.29 23.47
C LYS E 88 -3.88 -4.09 22.02
N ILE E 89 -2.60 -3.77 21.78
CA ILE E 89 -2.19 -3.61 20.40
C ILE E 89 -1.51 -4.85 19.79
N LEU E 90 -1.41 -5.94 20.53
CA LEU E 90 -0.75 -7.14 20.02
C LEU E 90 -1.78 -8.08 19.39
N PRO E 91 -1.38 -8.88 18.37
CA PRO E 91 -2.35 -9.77 17.64
C PRO E 91 -2.81 -11.00 18.40
N GLU F 6 -20.65 23.59 -0.89
CA GLU F 6 -19.81 24.63 -0.25
C GLU F 6 -18.31 24.43 -0.50
N ALA F 7 -17.50 25.23 0.16
CA ALA F 7 -16.07 25.23 -0.19
C ALA F 7 -15.35 23.92 0.25
N LEU F 8 -14.25 23.59 -0.44
CA LEU F 8 -13.40 22.42 -0.21
C LEU F 8 -12.01 22.87 0.11
N GLY F 9 -11.46 22.39 1.22
CA GLY F 9 -10.10 22.65 1.61
C GLY F 9 -9.29 21.37 1.73
N MET F 10 -8.03 21.35 1.27
CA MET F 10 -7.27 20.08 1.31
C MET F 10 -5.85 20.36 1.77
N VAL F 11 -5.38 19.67 2.81
CA VAL F 11 -3.96 19.75 3.21
C VAL F 11 -3.48 18.34 3.05
N GLU F 12 -2.48 18.19 2.21
CA GLU F 12 -1.84 16.91 1.97
C GLU F 12 -0.46 16.82 2.57
N THR F 13 -0.24 15.84 3.43
CA THR F 13 1.07 15.69 4.13
C THR F 13 1.80 14.37 3.90
N LYS F 14 3.11 14.37 4.16
CA LYS F 14 3.82 13.09 4.35
C LYS F 14 3.67 12.59 5.79
N GLY F 15 2.94 11.50 5.95
CA GLY F 15 2.82 10.81 7.23
C GLY F 15 1.55 11.27 7.93
N LEU F 16 1.08 10.42 8.82
CA LEU F 16 -0.17 10.67 9.55
C LEU F 16 -0.06 11.69 10.69
N THR F 17 1.15 11.83 11.30
CA THR F 17 1.27 12.73 12.48
C THR F 17 1.09 14.19 12.02
N ALA F 18 1.65 14.49 10.87
CA ALA F 18 1.53 15.87 10.37
C ALA F 18 0.10 16.12 9.90
N ALA F 19 -0.60 15.07 9.41
CA ALA F 19 -2.01 15.24 9.00
C ALA F 19 -2.94 15.43 10.18
N ILE F 20 -2.66 14.75 11.29
CA ILE F 20 -3.45 14.95 12.51
C ILE F 20 -3.25 16.37 12.98
N GLU F 21 -2.00 16.83 12.98
CA GLU F 21 -1.73 18.24 13.30
C GLU F 21 -2.46 19.22 12.39
N ALA F 22 -2.48 18.98 11.05
CA ALA F 22 -3.24 19.86 10.17
C ALA F 22 -4.75 19.86 10.53
N ALA F 23 -5.29 18.69 10.79
CA ALA F 23 -6.71 18.53 10.96
C ALA F 23 -7.04 19.33 12.20
N ASP F 24 -6.26 19.11 13.28
CA ASP F 24 -6.53 19.84 14.54
C ASP F 24 -6.47 21.35 14.40
N ALA F 25 -5.50 21.87 13.67
CA ALA F 25 -5.38 23.27 13.42
C ALA F 25 -6.58 23.75 12.59
N MET F 26 -6.99 22.94 11.61
CA MET F 26 -8.06 23.37 10.72
C MET F 26 -9.40 23.41 11.44
N VAL F 27 -9.73 22.41 12.26
CA VAL F 27 -11.06 22.46 12.82
C VAL F 27 -11.12 23.38 14.01
N ASP F 28 -9.96 23.60 14.63
CA ASP F 28 -9.86 24.62 15.66
C ASP F 28 -10.15 26.01 15.04
N SER F 29 -9.33 26.38 14.05
CA SER F 29 -9.46 27.59 13.22
C SER F 29 -10.80 28.35 13.12
N ALA F 30 -11.86 27.62 12.80
CA ALA F 30 -12.94 28.21 12.01
C ALA F 30 -14.17 27.33 12.05
N ASN F 31 -15.28 27.80 11.49
CA ASN F 31 -16.48 26.98 11.39
C ASN F 31 -16.54 26.09 10.10
N VAL F 32 -15.81 24.99 10.17
CA VAL F 32 -15.59 24.09 9.03
C VAL F 32 -15.77 22.69 9.56
N MET F 33 -16.12 21.77 8.69
CA MET F 33 -16.33 20.42 9.10
C MET F 33 -15.14 19.59 8.58
N LEU F 34 -14.49 18.90 9.50
CA LEU F 34 -13.56 17.85 9.12
C LEU F 34 -14.29 16.63 8.51
N VAL F 35 -14.01 16.33 7.24
CA VAL F 35 -14.56 15.11 6.68
C VAL F 35 -13.70 13.92 7.10
N GLY F 36 -12.38 14.04 6.99
CA GLY F 36 -11.59 12.87 7.28
C GLY F 36 -10.33 12.98 6.52
N TYR F 37 -9.71 11.84 6.27
CA TYR F 37 -8.50 11.90 5.46
C TYR F 37 -8.47 10.69 4.64
N GLU F 38 -7.59 10.72 3.63
CA GLU F 38 -7.50 9.77 2.62
C GLU F 38 -6.07 9.38 2.47
N LYS F 39 -5.86 8.08 2.41
CA LYS F 39 -4.55 7.49 2.16
C LYS F 39 -4.39 7.19 0.66
N ILE F 40 -3.27 7.54 0.07
CA ILE F 40 -3.04 7.20 -1.32
C ILE F 40 -1.73 6.48 -1.55
N GLY F 41 -1.03 6.11 -0.51
CA GLY F 41 0.17 5.31 -0.66
C GLY F 41 1.30 6.28 -0.69
N SER F 42 2.49 5.71 -0.62
CA SER F 42 3.74 6.42 -0.47
C SER F 42 3.75 7.32 0.77
N GLY F 43 2.99 6.94 1.78
CA GLY F 43 2.94 7.73 3.03
C GLY F 43 2.15 9.02 2.92
N LEU F 44 1.33 9.21 1.87
CA LEU F 44 0.66 10.48 1.71
C LEU F 44 -0.73 10.44 2.29
N VAL F 45 -1.11 11.53 2.98
CA VAL F 45 -2.44 11.59 3.61
C VAL F 45 -2.99 12.96 3.32
N THR F 46 -4.23 12.97 2.83
CA THR F 46 -4.87 14.19 2.46
C THR F 46 -5.95 14.51 3.45
N VAL F 47 -5.88 15.68 4.07
CA VAL F 47 -6.96 16.06 4.97
C VAL F 47 -7.93 16.97 4.24
N ILE F 48 -9.21 16.74 4.47
CA ILE F 48 -10.33 17.32 3.75
C ILE F 48 -11.28 17.95 4.73
N VAL F 49 -11.60 19.23 4.50
CA VAL F 49 -12.60 19.97 5.29
C VAL F 49 -13.60 20.64 4.30
N ARG F 50 -14.84 20.89 4.76
CA ARG F 50 -15.80 21.71 4.06
C ARG F 50 -16.33 22.87 4.94
N GLY F 51 -16.66 23.99 4.32
CA GLY F 51 -17.21 25.11 5.09
C GLY F 51 -17.44 26.30 4.18
N ASP F 52 -17.73 27.46 4.75
CA ASP F 52 -17.89 28.61 3.88
C ASP F 52 -16.49 29.01 3.39
N VAL F 53 -16.37 29.67 2.26
CA VAL F 53 -15.07 29.89 1.64
C VAL F 53 -14.07 30.63 2.54
N GLY F 54 -14.55 31.63 3.29
CA GLY F 54 -13.68 32.43 4.18
C GLY F 54 -13.04 31.60 5.29
N ALA F 55 -13.81 30.73 5.93
CA ALA F 55 -13.33 29.82 7.00
C ALA F 55 -12.39 28.71 6.46
N VAL F 56 -12.74 28.20 5.27
CA VAL F 56 -12.02 27.08 4.66
C VAL F 56 -10.69 27.68 4.24
N LYS F 57 -10.74 28.93 3.82
CA LYS F 57 -9.49 29.59 3.49
C LYS F 57 -8.56 29.79 4.68
N ALA F 58 -9.12 30.32 5.76
CA ALA F 58 -8.38 30.52 6.99
C ALA F 58 -7.86 29.18 7.54
N ALA F 59 -8.75 28.17 7.53
CA ALA F 59 -8.45 26.85 8.08
C ALA F 59 -7.34 26.12 7.35
N THR F 60 -7.34 26.13 6.01
CA THR F 60 -6.27 25.42 5.27
C THR F 60 -4.94 26.11 5.38
N ASP F 61 -4.98 27.44 5.44
CA ASP F 61 -3.81 28.24 5.88
C ASP F 61 -3.22 27.80 7.22
N ALA F 62 -4.10 27.66 8.20
CA ALA F 62 -3.74 27.33 9.55
C ALA F 62 -3.25 25.88 9.60
N GLY F 63 -3.96 24.97 8.92
CA GLY F 63 -3.53 23.58 8.82
C GLY F 63 -2.16 23.36 8.20
N ALA F 64 -1.91 24.04 7.09
CA ALA F 64 -0.60 23.93 6.40
C ALA F 64 0.54 24.43 7.26
N ALA F 65 0.35 25.64 7.85
CA ALA F 65 1.33 26.25 8.77
C ALA F 65 1.67 25.27 9.92
N ALA F 66 0.63 24.68 10.53
CA ALA F 66 0.85 23.83 11.64
C ALA F 66 1.54 22.52 11.22
N ALA F 67 1.03 21.85 10.17
CA ALA F 67 1.62 20.60 9.66
C ALA F 67 3.11 20.77 9.33
N ARG F 68 3.47 21.93 8.79
CA ARG F 68 4.86 22.22 8.41
C ARG F 68 5.85 22.11 9.58
N ASN F 69 5.35 22.37 10.81
CA ASN F 69 6.16 22.25 12.04
C ASN F 69 6.37 20.80 12.50
N VAL F 70 5.66 19.88 11.87
CA VAL F 70 5.66 18.53 12.33
C VAL F 70 6.35 17.68 11.32
N GLY F 71 6.05 17.88 10.01
CA GLY F 71 6.70 17.19 8.88
C GLY F 71 6.51 17.92 7.54
N GLU F 72 6.51 17.13 6.47
CA GLU F 72 6.42 17.66 5.12
C GLU F 72 4.98 17.81 4.59
N VAL F 73 4.66 19.01 4.12
CA VAL F 73 3.36 19.33 3.52
C VAL F 73 3.55 19.24 2.02
N LYS F 74 2.83 18.37 1.38
CA LYS F 74 2.98 18.14 -0.03
C LYS F 74 2.05 19.00 -0.85
N ALA F 75 0.87 19.35 -0.34
CA ALA F 75 -0.09 20.15 -1.14
C ALA F 75 -1.05 20.83 -0.29
N VAL F 76 -1.48 22.01 -0.74
CA VAL F 76 -2.44 22.79 -0.03
C VAL F 76 -3.30 23.45 -1.12
N HIS F 77 -4.61 23.28 -1.03
CA HIS F 77 -5.49 23.89 -2.02
C HIS F 77 -6.89 24.11 -1.51
N VAL F 78 -7.54 25.20 -1.97
CA VAL F 78 -8.96 25.49 -1.68
C VAL F 78 -9.74 25.57 -3.00
N ILE F 79 -10.94 24.97 -3.07
CA ILE F 79 -11.74 25.14 -4.24
C ILE F 79 -13.03 25.75 -3.71
N PRO F 80 -13.31 27.04 -4.04
CA PRO F 80 -14.41 27.73 -3.39
C PRO F 80 -15.77 27.04 -3.66
N ARG F 81 -15.98 26.47 -4.85
CA ARG F 81 -17.30 25.94 -5.21
C ARG F 81 -17.16 24.77 -6.19
N PRO F 82 -16.85 23.55 -5.69
CA PRO F 82 -16.48 22.49 -6.62
C PRO F 82 -17.70 22.14 -7.46
N HIS F 83 -17.47 21.62 -8.65
CA HIS F 83 -18.57 21.18 -9.52
C HIS F 83 -19.28 20.01 -8.89
N THR F 84 -20.55 19.93 -9.19
CA THR F 84 -21.38 18.85 -8.72
C THR F 84 -20.76 17.45 -9.00
N ASP F 85 -20.20 17.22 -10.19
CA ASP F 85 -19.55 15.94 -10.50
C ASP F 85 -18.29 15.63 -9.66
N VAL F 86 -17.64 16.66 -9.17
CA VAL F 86 -16.44 16.49 -8.37
C VAL F 86 -16.93 16.09 -6.97
N GLU F 87 -18.12 16.59 -6.60
CA GLU F 87 -18.67 16.30 -5.26
C GLU F 87 -18.91 14.80 -5.16
N LYS F 88 -19.39 14.22 -6.26
CA LYS F 88 -19.58 12.76 -6.36
C LYS F 88 -18.33 11.98 -6.06
N ILE F 89 -17.15 12.50 -6.40
CA ILE F 89 -15.93 11.71 -6.19
C ILE F 89 -15.18 12.07 -4.93
N LEU F 90 -15.49 13.20 -4.32
CA LEU F 90 -14.85 13.51 -3.05
C LEU F 90 -15.23 12.51 -1.92
N PRO F 91 -14.25 12.15 -1.06
CA PRO F 91 -14.45 11.62 0.29
C PRO F 91 -15.56 12.31 1.05
#